data_2B2U
#
_entry.id   2B2U
#
_cell.length_a   111.984
_cell.length_b   54.753
_cell.length_c   100.274
_cell.angle_alpha   90.00
_cell.angle_beta   112.32
_cell.angle_gamma   90.00
#
_symmetry.space_group_name_H-M   'C 1 2 1'
#
loop_
_entity.id
_entity.type
_entity.pdbx_description
1 polymer 'Chromodomain-helicase-DNA-binding protein 1'
2 polymer 'Chromodomain-helicase-DNA-binding protein 1'
3 polymer 'Histone H3'
#
loop_
_entity_poly.entity_id
_entity_poly.type
_entity_poly.pdbx_seq_one_letter_code
_entity_poly.pdbx_strand_id
1 'polypeptide(L)'
;MKKHHHHHHEEEFETIERFMDCRIGRKGATGATTTIYAVEADGDPNAGFEKNKEPGEIQYLIKWKGWSHIHNTWETEETL
KQQNVRGMKKLDNYKKKDQETKRWLKNASPEDVEYYNCQQELTDDLHKQYQIVGRIIAHSNQKSAAGYPDYYCKWQGLPY
SECSWEDGALISKKFQACIDEYFSRKK
;
A,B
2 'polypeptide(L)'
;MKKHHHHHHEEEFETIERFMDCRIGRKGATGATTTIYAVEADGDPNAGFEKNKEPGEIQYLIKWKGWSHIHNTWETEETL
KQQNVRGMKKLDNYKKKDQETKRWLKNASPEDVEY
;
C
3 'polypeptide(L)' A(DA2)T(M3L)QTARKSTGGKAY D
#
# COMPACT_ATOMS: atom_id res chain seq x y z
N PHE A 13 7.59 7.85 17.50
CA PHE A 13 7.72 6.41 17.77
C PHE A 13 7.34 5.63 16.53
N GLU A 14 8.34 4.99 15.92
CA GLU A 14 8.13 4.24 14.70
C GLU A 14 7.59 2.84 14.85
N THR A 15 7.04 2.33 13.75
CA THR A 15 6.42 1.01 13.73
C THR A 15 6.93 0.09 12.66
N ILE A 16 7.26 -1.14 13.04
CA ILE A 16 7.74 -2.14 12.13
C ILE A 16 6.56 -2.63 11.34
N GLU A 17 6.55 -2.36 10.04
CA GLU A 17 5.47 -2.85 9.21
C GLU A 17 5.83 -4.24 8.68
N ARG A 18 6.97 -4.37 8.01
CA ARG A 18 7.36 -5.68 7.50
C ARG A 18 8.87 -5.97 7.55
N PHE A 19 9.16 -7.25 7.77
CA PHE A 19 10.52 -7.80 7.81
C PHE A 19 10.81 -8.20 6.38
N MET A 20 11.66 -7.44 5.69
CA MET A 20 11.96 -7.71 4.30
C MET A 20 13.04 -8.74 4.08
N ASP A 21 14.10 -8.66 4.88
CA ASP A 21 15.21 -9.57 4.75
C ASP A 21 15.99 -9.73 6.03
N CYS A 22 16.87 -10.73 6.04
CA CYS A 22 17.70 -11.06 7.19
C CYS A 22 19.16 -11.31 6.80
N ARG A 23 20.07 -10.71 7.53
CA ARG A 23 21.47 -10.90 7.19
C ARG A 23 22.36 -10.94 8.42
N ILE A 24 23.65 -10.87 8.18
CA ILE A 24 24.65 -10.83 9.23
C ILE A 24 25.73 -9.93 8.67
N GLY A 25 25.96 -8.78 9.28
CA GLY A 25 26.97 -7.88 8.75
C GLY A 25 27.72 -7.17 9.85
N ARG A 26 28.66 -6.32 9.45
CA ARG A 26 29.46 -5.56 10.41
C ARG A 26 28.62 -5.02 11.57
N LYS A 27 29.20 -5.04 12.78
CA LYS A 27 28.49 -4.50 13.93
C LYS A 27 28.42 -3.01 13.60
N GLY A 28 27.32 -2.35 13.94
CA GLY A 28 27.21 -0.92 13.66
C GLY A 28 26.62 -0.60 12.30
N ALA A 29 26.54 -1.60 11.43
CA ALA A 29 25.99 -1.41 10.11
C ALA A 29 24.47 -1.50 10.22
N THR A 30 23.88 -0.46 10.80
CA THR A 30 22.46 -0.39 11.01
C THR A 30 22.01 1.07 11.01
N GLY A 31 20.69 1.25 10.90
CA GLY A 31 20.10 2.58 10.92
C GLY A 31 20.07 3.39 9.65
N ALA A 32 19.95 4.71 9.81
CA ALA A 32 19.90 5.63 8.67
C ALA A 32 21.02 5.40 7.65
N THR A 33 22.25 5.39 8.12
CA THR A 33 23.39 5.16 7.23
C THR A 33 23.22 3.90 6.37
N THR A 34 22.20 3.07 6.64
CA THR A 34 22.03 1.84 5.85
C THR A 34 20.97 1.87 4.76
N THR A 35 20.36 3.02 4.52
CA THR A 35 19.39 3.10 3.46
C THR A 35 20.13 3.09 2.15
N ILE A 36 19.41 2.74 1.09
CA ILE A 36 20.04 2.69 -0.22
C ILE A 36 20.46 4.12 -0.66
N TYR A 37 19.66 5.15 -0.40
CA TYR A 37 20.07 6.50 -0.81
C TYR A 37 21.26 6.97 -0.04
N ALA A 38 21.34 6.60 1.25
CA ALA A 38 22.49 7.00 2.06
C ALA A 38 23.70 6.20 1.59
N VAL A 39 23.48 4.92 1.34
CA VAL A 39 24.55 4.07 0.88
C VAL A 39 25.11 4.53 -0.47
N GLU A 40 24.24 4.98 -1.36
CA GLU A 40 24.69 5.41 -2.68
C GLU A 40 25.46 6.72 -2.59
N ALA A 41 25.08 7.54 -1.64
CA ALA A 41 25.71 8.84 -1.45
C ALA A 41 26.97 8.73 -0.61
N ASP A 42 27.08 7.67 0.19
CA ASP A 42 28.24 7.53 1.08
C ASP A 42 28.90 6.18 1.24
N GLY A 43 28.43 5.19 0.53
CA GLY A 43 29.03 3.87 0.63
C GLY A 43 28.33 3.02 1.67
N ASP A 44 28.53 1.72 1.60
CA ASP A 44 27.89 0.81 2.54
C ASP A 44 28.66 0.69 3.84
N PRO A 45 28.01 1.02 4.95
CA PRO A 45 28.68 0.90 6.25
C PRO A 45 29.07 -0.56 6.50
N ASN A 46 28.44 -1.45 5.76
CA ASN A 46 28.71 -2.87 5.86
C ASN A 46 29.69 -3.21 4.78
N ALA A 47 30.44 -2.21 4.33
CA ALA A 47 31.05 -2.21 3.02
C ALA A 47 31.54 -3.36 2.19
N GLY A 48 32.42 -4.17 2.77
CA GLY A 48 32.99 -5.28 2.05
C GLY A 48 33.14 -6.24 3.21
N PHE A 49 32.02 -6.77 3.65
CA PHE A 49 31.92 -7.30 4.99
C PHE A 49 32.77 -8.53 5.05
N GLU A 50 32.13 -9.67 4.82
CA GLU A 50 32.82 -10.95 4.92
C GLU A 50 32.18 -11.92 5.92
N LYS A 53 36.81 -11.07 6.70
CA LYS A 53 37.03 -11.71 8.00
C LYS A 53 35.93 -11.38 8.99
N GLU A 54 35.66 -10.10 9.14
CA GLU A 54 34.65 -9.63 10.07
C GLU A 54 33.66 -10.58 10.75
N PRO A 55 33.56 -10.47 12.08
CA PRO A 55 32.63 -11.27 12.90
C PRO A 55 31.35 -10.42 12.86
N GLY A 56 30.18 -11.03 12.76
CA GLY A 56 29.00 -10.18 12.66
C GLY A 56 27.84 -10.26 13.65
N GLU A 57 26.78 -9.56 13.28
CA GLU A 57 25.55 -9.49 14.06
C GLU A 57 24.40 -9.90 13.17
N ILE A 58 23.30 -10.27 13.81
CA ILE A 58 22.11 -10.62 13.05
C ILE A 58 21.35 -9.32 12.89
N GLN A 59 21.19 -8.91 11.63
CA GLN A 59 20.47 -7.69 11.32
C GLN A 59 19.27 -7.97 10.43
N TYR A 60 18.21 -7.22 10.69
CA TYR A 60 16.99 -7.37 9.96
C TYR A 60 16.73 -6.14 9.10
N LEU A 61 16.26 -6.40 7.88
CA LEU A 61 15.95 -5.33 6.95
C LEU A 61 14.50 -4.98 7.24
N ILE A 62 14.25 -3.77 7.71
CA ILE A 62 12.87 -3.48 8.01
C ILE A 62 12.20 -2.36 7.27
N LYS A 63 10.99 -2.70 6.81
CA LYS A 63 10.10 -1.80 6.09
C LYS A 63 9.22 -1.12 7.16
N TRP A 64 9.30 0.20 7.23
CA TRP A 64 8.55 0.96 8.25
C TRP A 64 7.14 1.48 7.90
N LYS A 65 6.34 1.65 8.95
CA LYS A 65 4.97 2.15 8.87
C LYS A 65 4.97 3.61 8.39
N GLY A 66 4.41 3.85 7.21
CA GLY A 66 4.33 5.21 6.71
C GLY A 66 5.59 5.75 6.06
N TRP A 67 6.52 4.84 5.73
CA TRP A 67 7.77 5.19 5.07
C TRP A 67 7.84 4.28 3.85
N SER A 68 8.35 4.76 2.72
CA SER A 68 8.43 3.91 1.54
C SER A 68 9.57 2.93 1.71
N HIS A 69 9.54 1.85 0.94
CA HIS A 69 10.61 0.86 0.94
C HIS A 69 12.00 1.53 0.71
N ILE A 70 12.03 2.65 0.00
CA ILE A 70 13.27 3.38 -0.24
C ILE A 70 13.91 3.82 1.08
N HIS A 71 13.13 3.74 2.15
CA HIS A 71 13.59 4.17 3.47
C HIS A 71 13.85 3.04 4.42
N ASN A 72 13.80 1.81 3.94
CA ASN A 72 14.07 0.67 4.80
C ASN A 72 15.44 0.84 5.41
N THR A 73 15.68 0.08 6.46
CA THR A 73 16.96 0.14 7.11
C THR A 73 17.21 -1.19 7.80
N TRP A 74 18.49 -1.53 7.93
CA TRP A 74 18.89 -2.74 8.60
C TRP A 74 18.90 -2.41 10.08
N GLU A 75 18.38 -3.32 10.90
CA GLU A 75 18.33 -3.09 12.35
C GLU A 75 18.48 -4.38 13.13
N THR A 76 19.16 -4.30 14.26
CA THR A 76 19.37 -5.48 15.09
C THR A 76 18.33 -5.45 16.19
N GLU A 77 17.97 -6.63 16.65
CA GLU A 77 17.00 -6.76 17.73
C GLU A 77 17.28 -5.73 18.80
N GLU A 78 18.53 -5.31 18.89
CA GLU A 78 18.90 -4.32 19.90
C GLU A 78 18.55 -2.92 19.47
N THR A 79 19.04 -2.49 18.30
CA THR A 79 18.71 -1.13 17.85
C THR A 79 17.19 -0.93 17.95
N LEU A 80 16.45 -1.94 17.52
CA LEU A 80 15.00 -1.92 17.56
C LEU A 80 14.52 -1.56 18.95
N LYS A 81 14.91 -2.35 19.94
CA LYS A 81 14.54 -2.09 21.32
C LYS A 81 15.04 -0.73 21.75
N GLN A 82 16.25 -0.36 21.33
CA GLN A 82 16.81 0.94 21.71
C GLN A 82 15.98 2.09 21.20
N GLN A 83 15.24 1.88 20.11
CA GLN A 83 14.44 2.94 19.54
C GLN A 83 13.01 2.97 20.00
N ASN A 84 12.63 1.98 20.79
CA ASN A 84 11.26 1.92 21.28
C ASN A 84 10.26 1.81 20.16
N VAL A 85 10.71 1.30 19.02
CA VAL A 85 9.80 1.15 17.92
C VAL A 85 8.67 0.23 18.37
N ARG A 86 7.51 0.38 17.73
CA ARG A 86 6.37 -0.46 18.05
C ARG A 86 6.36 -1.56 17.00
N GLY A 87 5.81 -2.72 17.34
CA GLY A 87 5.79 -3.79 16.37
C GLY A 87 6.77 -4.91 16.75
N MET A 88 7.45 -4.75 17.88
CA MET A 88 8.39 -5.77 18.32
C MET A 88 7.77 -7.18 18.26
N LYS A 89 6.47 -7.29 18.55
CA LYS A 89 5.82 -8.61 18.51
C LYS A 89 6.28 -9.30 17.22
N LYS A 90 6.28 -8.52 16.14
CA LYS A 90 6.68 -8.99 14.84
C LYS A 90 8.06 -9.67 14.78
N LEU A 91 9.01 -9.20 15.59
CA LEU A 91 10.35 -9.78 15.59
C LEU A 91 10.31 -11.21 16.13
N ASP A 92 9.34 -11.51 16.97
CA ASP A 92 9.25 -12.85 17.50
C ASP A 92 8.67 -13.82 16.51
N ASN A 93 7.59 -13.43 15.85
CA ASN A 93 6.92 -14.27 14.86
C ASN A 93 7.94 -14.56 13.78
N TYR A 94 8.54 -13.50 13.26
CA TYR A 94 9.51 -13.65 12.21
C TYR A 94 10.55 -14.69 12.59
N LYS A 95 11.08 -14.58 13.80
CA LYS A 95 12.06 -15.53 14.27
C LYS A 95 11.45 -16.90 14.41
N LYS A 96 10.24 -16.97 14.94
CA LYS A 96 9.62 -18.28 15.09
C LYS A 96 9.33 -18.87 13.72
N LYS A 97 9.00 -18.00 12.78
CA LYS A 97 8.70 -18.48 11.45
C LYS A 97 9.97 -18.94 10.77
N ASP A 98 11.01 -18.13 10.89
CA ASP A 98 12.30 -18.44 10.28
C ASP A 98 12.83 -19.78 10.76
N GLN A 99 12.56 -20.07 12.03
CA GLN A 99 12.97 -21.33 12.59
C GLN A 99 12.14 -22.44 11.97
N GLU A 100 10.83 -22.23 11.89
CA GLU A 100 9.95 -23.24 11.35
C GLU A 100 10.37 -23.65 9.94
N THR A 101 10.74 -22.66 9.13
CA THR A 101 11.18 -22.90 7.77
C THR A 101 12.38 -23.85 7.74
N LYS A 102 13.44 -23.47 8.42
CA LYS A 102 14.65 -24.29 8.47
C LYS A 102 14.35 -25.72 8.85
N ARG A 103 13.83 -25.90 10.06
CA ARG A 103 13.52 -27.25 10.52
C ARG A 103 12.85 -28.06 9.41
N TRP A 104 11.91 -27.43 8.70
CA TRP A 104 11.19 -28.08 7.62
C TRP A 104 12.00 -28.27 6.34
N LEU A 105 13.10 -27.55 6.23
CA LEU A 105 13.94 -27.67 5.05
C LEU A 105 15.35 -28.13 5.37
N LYS A 106 15.45 -28.93 6.43
CA LYS A 106 16.72 -29.50 6.86
C LYS A 106 17.04 -30.55 5.83
N ASN A 107 16.12 -31.47 5.66
CA ASN A 107 16.32 -32.51 4.69
C ASN A 107 15.23 -32.49 3.63
N ALA A 108 15.50 -31.78 2.55
CA ALA A 108 14.57 -31.68 1.44
C ALA A 108 15.39 -32.05 0.20
N SER A 109 14.72 -32.55 -0.84
CA SER A 109 15.41 -32.94 -2.06
C SER A 109 16.34 -31.80 -2.46
N PRO A 110 17.30 -32.07 -3.33
CA PRO A 110 18.14 -30.93 -3.69
C PRO A 110 17.19 -30.06 -4.51
N GLU A 111 16.18 -30.74 -5.06
CA GLU A 111 15.12 -30.15 -5.87
C GLU A 111 14.37 -29.14 -5.01
N ASP A 112 13.91 -29.60 -3.85
CA ASP A 112 13.21 -28.72 -2.93
C ASP A 112 14.09 -27.50 -2.73
N VAL A 113 15.39 -27.73 -2.57
CA VAL A 113 16.32 -26.63 -2.34
C VAL A 113 16.49 -25.73 -3.55
N GLU A 114 16.54 -26.28 -4.76
CA GLU A 114 16.72 -25.39 -5.89
C GLU A 114 15.54 -24.42 -5.90
N TYR A 115 14.33 -24.97 -5.82
CA TYR A 115 13.12 -24.17 -5.83
C TYR A 115 13.31 -23.03 -4.87
N TYR A 116 13.43 -23.37 -3.59
CA TYR A 116 13.59 -22.40 -2.54
C TYR A 116 14.57 -21.28 -2.92
N ASN A 117 15.72 -21.63 -3.50
CA ASN A 117 16.69 -20.60 -3.84
C ASN A 117 16.30 -19.76 -5.05
N CYS A 118 15.61 -20.37 -6.01
CA CYS A 118 15.18 -19.63 -7.20
C CYS A 118 14.01 -18.77 -6.74
N GLN A 119 12.98 -19.47 -6.27
CA GLN A 119 11.77 -18.87 -5.79
C GLN A 119 11.97 -17.86 -4.67
N GLN A 120 13.21 -17.65 -4.28
CA GLN A 120 13.50 -16.71 -3.21
C GLN A 120 14.35 -15.58 -3.76
N GLU A 121 15.00 -15.86 -4.88
CA GLU A 121 15.83 -14.84 -5.52
C GLU A 121 14.88 -13.94 -6.29
N LEU A 122 13.76 -14.54 -6.71
CA LEU A 122 12.69 -13.85 -7.44
C LEU A 122 12.12 -12.74 -6.56
N THR A 123 11.67 -13.11 -5.36
CA THR A 123 11.13 -12.16 -4.39
C THR A 123 12.22 -11.16 -4.00
N ASP A 124 13.42 -11.65 -3.72
CA ASP A 124 14.54 -10.77 -3.36
C ASP A 124 14.63 -9.62 -4.35
N ASP A 125 14.67 -9.97 -5.64
CA ASP A 125 14.77 -8.99 -6.72
C ASP A 125 13.51 -8.13 -6.85
N LEU A 126 12.36 -8.74 -6.62
CA LEU A 126 11.09 -8.01 -6.70
C LEU A 126 11.09 -6.85 -5.68
N HIS A 127 11.40 -7.18 -4.42
CA HIS A 127 11.43 -6.21 -3.35
C HIS A 127 12.27 -5.01 -3.65
N LYS A 128 13.40 -5.22 -4.32
CA LYS A 128 14.27 -4.10 -4.65
C LYS A 128 13.53 -3.06 -5.48
N GLN A 129 12.70 -3.52 -6.42
CA GLN A 129 11.95 -2.62 -7.31
C GLN A 129 11.15 -1.55 -6.57
N TYR A 130 10.48 -1.95 -5.49
CA TYR A 130 9.70 -1.01 -4.69
C TYR A 130 10.53 0.22 -4.38
N GLN A 131 11.86 0.08 -4.44
CA GLN A 131 12.73 1.20 -4.13
C GLN A 131 13.00 2.14 -5.28
N ILE A 132 12.57 1.75 -6.47
CA ILE A 132 12.81 2.58 -7.65
C ILE A 132 11.51 3.19 -8.23
N VAL A 133 11.55 4.50 -8.50
CA VAL A 133 10.42 5.23 -9.03
C VAL A 133 10.09 4.83 -10.46
N GLY A 134 8.96 4.15 -10.64
CA GLY A 134 8.56 3.78 -11.98
C GLY A 134 7.92 4.98 -12.66
N ARG A 135 7.49 5.95 -11.86
CA ARG A 135 6.84 7.13 -12.40
C ARG A 135 6.44 8.17 -11.36
N ILE A 136 6.78 9.42 -11.65
CA ILE A 136 6.45 10.58 -10.81
C ILE A 136 5.12 11.12 -11.36
N ILE A 137 4.11 11.25 -10.52
CA ILE A 137 2.84 11.71 -11.07
C ILE A 137 2.23 13.03 -10.58
N ALA A 138 3.06 13.88 -9.98
CA ALA A 138 2.60 15.17 -9.45
C ALA A 138 3.67 15.77 -8.55
N HIS A 139 3.72 17.10 -8.43
CA HIS A 139 4.70 17.68 -7.53
C HIS A 139 4.12 18.80 -6.65
N SER A 140 4.95 19.31 -5.73
CA SER A 140 4.49 20.32 -4.78
C SER A 140 4.61 21.76 -5.22
N ASN A 141 3.70 22.59 -4.72
CA ASN A 141 3.70 24.00 -5.06
C ASN A 141 4.73 24.70 -4.21
N GLN A 142 5.16 24.04 -3.14
CA GLN A 142 6.17 24.65 -2.27
C GLN A 142 7.51 24.00 -2.54
N LYS A 143 8.57 24.80 -2.48
CA LYS A 143 9.91 24.31 -2.75
C LYS A 143 10.90 24.50 -1.59
N SER A 144 11.78 23.51 -1.41
CA SER A 144 12.78 23.57 -0.36
C SER A 144 13.50 24.90 -0.50
N ALA A 145 14.40 25.19 0.43
CA ALA A 145 15.13 26.44 0.34
C ALA A 145 16.12 26.25 -0.81
N ALA A 146 16.43 25.00 -1.11
CA ALA A 146 17.34 24.65 -2.19
C ALA A 146 16.65 24.81 -3.54
N GLY A 147 15.31 24.86 -3.51
CA GLY A 147 14.58 25.03 -4.75
C GLY A 147 13.98 23.75 -5.28
N TYR A 148 13.99 22.68 -4.47
CA TYR A 148 13.42 21.41 -4.88
C TYR A 148 11.97 21.25 -4.38
N PRO A 149 11.08 20.77 -5.25
CA PRO A 149 9.68 20.56 -4.85
C PRO A 149 9.67 19.09 -4.42
N ASP A 150 8.59 18.57 -3.87
CA ASP A 150 8.60 17.14 -3.51
C ASP A 150 7.89 16.45 -4.66
N TYR A 151 8.02 15.15 -4.77
CA TYR A 151 7.38 14.45 -5.87
C TYR A 151 6.51 13.27 -5.47
N TYR A 152 5.30 13.20 -6.00
CA TYR A 152 4.44 12.06 -5.72
C TYR A 152 4.96 10.95 -6.63
N CYS A 153 5.57 9.93 -6.02
CA CYS A 153 6.16 8.82 -6.75
C CYS A 153 5.37 7.54 -6.78
N LYS A 154 5.35 6.91 -7.96
CA LYS A 154 4.68 5.64 -8.18
C LYS A 154 5.85 4.65 -8.19
N TRP A 155 5.81 3.71 -7.26
CA TRP A 155 6.89 2.73 -7.13
C TRP A 155 6.78 1.51 -8.01
N GLN A 156 7.92 1.08 -8.52
CA GLN A 156 7.96 -0.10 -9.36
C GLN A 156 7.44 -1.24 -8.52
N GLY A 157 6.54 -2.02 -9.10
CA GLY A 157 5.96 -3.17 -8.42
C GLY A 157 4.82 -2.95 -7.44
N LEU A 158 4.45 -1.71 -7.18
CA LEU A 158 3.37 -1.48 -6.23
C LEU A 158 2.25 -0.59 -6.73
N PRO A 159 1.00 -0.99 -6.42
CA PRO A 159 -0.22 -0.28 -6.82
C PRO A 159 -0.23 1.19 -6.41
N TYR A 160 -0.91 2.02 -7.18
CA TYR A 160 -0.95 3.45 -6.89
C TYR A 160 -1.41 3.77 -5.49
N SER A 161 -1.97 2.78 -4.78
CA SER A 161 -2.42 3.03 -3.41
C SER A 161 -1.17 3.18 -2.55
N GLU A 162 -0.04 2.80 -3.14
CA GLU A 162 1.25 2.85 -2.47
C GLU A 162 2.09 4.06 -2.86
N CYS A 163 1.58 4.91 -3.75
CA CYS A 163 2.33 6.11 -4.18
C CYS A 163 2.65 6.89 -2.95
N SER A 164 3.54 7.88 -3.07
CA SER A 164 3.91 8.68 -1.91
C SER A 164 4.70 9.95 -2.28
N TRP A 165 4.76 10.89 -1.35
CA TRP A 165 5.50 12.12 -1.58
C TRP A 165 6.91 11.93 -1.08
N GLU A 166 7.88 12.14 -1.95
CA GLU A 166 9.24 11.97 -1.54
C GLU A 166 9.98 13.27 -1.68
N ASP A 167 11.05 13.42 -0.90
CA ASP A 167 11.87 14.63 -0.91
C ASP A 167 12.36 14.91 -2.31
N GLY A 168 12.27 16.18 -2.72
CA GLY A 168 12.74 16.56 -4.04
C GLY A 168 14.21 16.23 -4.26
N ALA A 169 15.06 16.73 -3.38
CA ALA A 169 16.49 16.51 -3.46
C ALA A 169 16.82 15.02 -3.45
N LEU A 170 16.21 14.27 -2.53
CA LEU A 170 16.43 12.83 -2.43
C LEU A 170 16.28 12.14 -3.79
N ILE A 171 15.11 12.31 -4.39
CA ILE A 171 14.76 11.73 -5.68
C ILE A 171 15.68 12.12 -6.82
N SER A 172 15.89 13.43 -6.95
CA SER A 172 16.71 13.98 -8.01
C SER A 172 18.07 13.32 -8.09
N LYS A 173 18.60 12.91 -6.94
CA LYS A 173 19.90 12.26 -6.94
C LYS A 173 19.93 10.97 -7.75
N LYS A 174 18.80 10.32 -7.94
CA LYS A 174 18.79 9.04 -8.65
C LYS A 174 17.72 8.81 -9.71
N PHE A 175 16.70 9.65 -9.72
CA PHE A 175 15.60 9.50 -10.67
C PHE A 175 15.32 10.77 -11.45
N GLN A 176 16.35 11.58 -11.64
CA GLN A 176 16.21 12.83 -12.36
C GLN A 176 15.55 12.64 -13.72
N ALA A 177 15.57 11.41 -14.24
CA ALA A 177 14.94 11.08 -15.51
C ALA A 177 13.48 11.28 -15.30
N CYS A 178 12.89 10.38 -14.49
CA CYS A 178 11.47 10.42 -14.16
C CYS A 178 11.07 11.86 -13.91
N ILE A 179 11.92 12.59 -13.20
CA ILE A 179 11.61 13.98 -12.98
C ILE A 179 11.59 14.64 -14.36
N ASP A 180 12.73 14.68 -15.04
CA ASP A 180 12.81 15.27 -16.38
C ASP A 180 11.65 14.85 -17.31
N GLU A 181 11.32 13.57 -17.28
CA GLU A 181 10.27 13.03 -18.12
C GLU A 181 8.88 13.34 -17.61
N TYR A 182 8.78 13.87 -16.39
CA TYR A 182 7.49 14.22 -15.80
C TYR A 182 7.11 15.59 -16.33
N PHE A 183 8.07 16.51 -16.28
CA PHE A 183 7.84 17.88 -16.75
C PHE A 183 7.83 17.90 -18.27
N SER A 184 8.55 16.96 -18.88
CA SER A 184 8.58 16.93 -20.32
C SER A 184 7.16 16.64 -20.79
N ARG A 185 6.44 15.79 -20.07
CA ARG A 185 5.08 15.41 -20.43
C ARG A 185 4.06 16.52 -20.31
N LYS A 186 4.51 17.76 -20.26
CA LYS A 186 3.56 18.86 -20.17
C LYS A 186 3.47 19.68 -21.46
N LYS A 187 2.77 19.07 -22.41
CA LYS A 187 2.43 19.54 -23.75
C LYS A 187 2.15 18.27 -24.61
N GLU B 11 -13.38 -12.91 23.01
CA GLU B 11 -12.05 -12.35 23.41
C GLU B 11 -11.06 -12.60 22.29
N GLU B 12 -11.54 -12.45 21.06
CA GLU B 12 -10.74 -12.66 19.88
C GLU B 12 -11.10 -11.46 19.04
N PHE B 13 -10.57 -11.39 17.83
CA PHE B 13 -10.86 -10.28 16.94
C PHE B 13 -9.74 -10.23 15.97
N GLU B 14 -10.06 -10.33 14.70
CA GLU B 14 -9.01 -10.26 13.73
C GLU B 14 -8.72 -8.77 13.59
N THR B 15 -7.58 -8.47 12.98
CA THR B 15 -7.19 -7.10 12.76
C THR B 15 -6.77 -7.03 11.31
N ILE B 16 -7.17 -5.97 10.60
CA ILE B 16 -6.81 -5.89 9.21
C ILE B 16 -5.39 -5.45 9.07
N GLU B 17 -4.69 -6.12 8.16
CA GLU B 17 -3.29 -5.86 7.87
C GLU B 17 -3.12 -4.97 6.64
N ARG B 18 -3.73 -5.33 5.51
CA ARG B 18 -3.63 -4.53 4.29
C ARG B 18 -4.93 -4.42 3.52
N PHE B 19 -5.26 -3.22 3.04
CA PHE B 19 -6.45 -3.01 2.23
C PHE B 19 -6.05 -3.37 0.81
N MET B 20 -6.66 -4.42 0.27
CA MET B 20 -6.36 -4.95 -1.07
C MET B 20 -7.08 -4.34 -2.25
N ASP B 21 -8.34 -3.97 -2.07
CA ASP B 21 -9.12 -3.45 -3.19
C ASP B 21 -10.47 -3.02 -2.66
N CYS B 22 -11.20 -2.22 -3.43
CA CYS B 22 -12.54 -1.82 -3.03
C CYS B 22 -13.39 -1.77 -4.28
N ARG B 23 -14.66 -2.13 -4.11
CA ARG B 23 -15.62 -2.16 -5.21
C ARG B 23 -16.96 -1.69 -4.70
N ILE B 24 -17.90 -1.47 -5.63
CA ILE B 24 -19.25 -1.12 -5.21
C ILE B 24 -19.87 -2.50 -5.44
N GLY B 25 -20.59 -3.00 -4.45
CA GLY B 25 -21.19 -4.31 -4.57
C GLY B 25 -22.50 -4.49 -3.83
N ARG B 26 -23.20 -5.59 -4.16
CA ARG B 26 -24.48 -5.91 -3.54
C ARG B 26 -24.44 -5.81 -2.02
N LYS B 27 -25.53 -5.35 -1.42
CA LYS B 27 -25.58 -5.23 0.03
C LYS B 27 -25.61 -6.61 0.64
N GLY B 28 -24.66 -6.87 1.54
CA GLY B 28 -24.61 -8.16 2.20
C GLY B 28 -23.63 -9.12 1.56
N ALA B 29 -23.06 -8.71 0.43
CA ALA B 29 -22.09 -9.53 -0.28
C ALA B 29 -20.70 -9.20 0.28
N THR B 30 -20.58 -9.35 1.59
CA THR B 30 -19.32 -9.12 2.28
C THR B 30 -19.17 -10.23 3.29
N GLY B 31 -17.93 -10.42 3.76
CA GLY B 31 -17.68 -11.45 4.75
C GLY B 31 -17.33 -12.85 4.29
N ALA B 32 -17.45 -13.77 5.23
CA ALA B 32 -17.14 -15.17 5.06
C ALA B 32 -17.42 -15.75 3.68
N THR B 33 -18.63 -15.54 3.18
CA THR B 33 -18.99 -16.08 1.88
C THR B 33 -18.31 -15.43 0.68
N THR B 34 -17.36 -14.55 0.92
CA THR B 34 -16.69 -13.89 -0.18
C THR B 34 -15.25 -14.38 -0.34
N THR B 35 -14.91 -15.45 0.37
CA THR B 35 -13.59 -16.01 0.26
C THR B 35 -13.55 -16.79 -1.05
N ILE B 36 -12.45 -16.63 -1.79
CA ILE B 36 -12.25 -17.30 -3.08
C ILE B 36 -12.72 -18.76 -3.08
N TYR B 37 -12.53 -19.45 -1.95
CA TYR B 37 -12.91 -20.85 -1.88
C TYR B 37 -14.38 -21.07 -1.52
N ALA B 38 -15.03 -20.01 -1.07
CA ALA B 38 -16.45 -20.09 -0.73
C ALA B 38 -17.13 -19.85 -2.06
N VAL B 39 -16.74 -18.76 -2.71
CA VAL B 39 -17.26 -18.42 -4.03
C VAL B 39 -17.22 -19.66 -4.88
N GLU B 40 -16.04 -20.26 -4.94
CA GLU B 40 -15.82 -21.49 -5.70
C GLU B 40 -16.74 -22.58 -5.21
N ALA B 41 -16.74 -22.83 -3.90
CA ALA B 41 -17.57 -23.90 -3.33
C ALA B 41 -19.01 -23.62 -3.68
N ASP B 42 -19.58 -22.68 -2.97
CA ASP B 42 -20.98 -22.35 -3.17
C ASP B 42 -21.17 -21.39 -4.36
N GLY B 43 -21.29 -20.11 -4.07
CA GLY B 43 -21.44 -19.14 -5.14
C GLY B 43 -20.95 -17.76 -4.77
N ASP B 44 -21.13 -16.81 -5.67
CA ASP B 44 -20.70 -15.47 -5.39
C ASP B 44 -21.83 -14.49 -5.12
N PRO B 45 -22.07 -14.20 -3.83
CA PRO B 45 -23.12 -13.29 -3.36
C PRO B 45 -23.21 -11.96 -4.08
N ASN B 46 -22.15 -11.58 -4.78
CA ASN B 46 -22.12 -10.32 -5.50
C ASN B 46 -22.23 -10.56 -6.99
N ALA B 47 -22.48 -11.81 -7.34
CA ALA B 47 -22.57 -12.19 -8.74
C ALA B 47 -23.37 -11.54 -9.87
N GLY B 48 -24.57 -11.08 -9.55
CA GLY B 48 -25.44 -10.47 -10.55
C GLY B 48 -25.25 -8.96 -10.53
N PHE B 49 -25.09 -8.39 -9.35
CA PHE B 49 -24.95 -6.94 -9.16
C PHE B 49 -25.00 -5.92 -10.30
N GLU B 50 -25.81 -4.87 -10.09
CA GLU B 50 -26.03 -3.80 -11.05
C GLU B 50 -26.16 -4.29 -12.47
N LYS B 51 -27.15 -5.14 -12.69
CA LYS B 51 -27.36 -5.62 -14.02
C LYS B 51 -28.78 -5.27 -14.44
N LYS B 53 -30.52 -2.77 -11.89
CA LYS B 53 -30.80 -2.02 -10.65
C LYS B 53 -30.96 -2.66 -9.26
N GLU B 54 -30.40 -1.97 -8.25
CA GLU B 54 -30.48 -2.38 -6.85
C GLU B 54 -29.42 -1.59 -6.05
N PRO B 55 -29.65 -1.36 -4.75
CA PRO B 55 -28.78 -0.61 -3.82
C PRO B 55 -27.31 -1.03 -3.78
N GLY B 56 -26.42 -0.03 -3.79
CA GLY B 56 -24.99 -0.28 -3.75
C GLY B 56 -24.37 -0.14 -2.37
N GLU B 57 -23.13 -0.57 -2.23
CA GLU B 57 -22.42 -0.52 -0.94
C GLU B 57 -20.90 -0.59 -1.19
N ILE B 58 -20.21 0.54 -1.03
CA ILE B 58 -18.75 0.58 -1.23
C ILE B 58 -18.08 -0.41 -0.26
N GLN B 59 -17.43 -1.44 -0.81
CA GLN B 59 -16.78 -2.44 0.03
C GLN B 59 -15.28 -2.58 -0.24
N TYR B 60 -14.55 -2.92 0.83
CA TYR B 60 -13.10 -3.08 0.79
C TYR B 60 -12.70 -4.53 0.86
N LEU B 61 -11.60 -4.86 0.20
CA LEU B 61 -11.10 -6.23 0.18
C LEU B 61 -9.97 -6.30 1.20
N ILE B 62 -10.17 -7.11 2.21
CA ILE B 62 -9.23 -7.18 3.29
C ILE B 62 -8.26 -8.34 3.34
N LYS B 63 -7.05 -8.03 3.80
CA LYS B 63 -5.97 -8.99 4.02
C LYS B 63 -5.85 -9.02 5.55
N TRP B 64 -6.18 -10.16 6.14
CA TRP B 64 -6.15 -10.34 7.58
C TRP B 64 -4.80 -10.74 8.16
N LYS B 65 -4.44 -10.12 9.29
CA LYS B 65 -3.20 -10.48 9.95
C LYS B 65 -3.35 -11.91 10.44
N GLY B 66 -2.39 -12.76 10.11
CA GLY B 66 -2.44 -14.13 10.56
C GLY B 66 -2.97 -15.12 9.55
N TRP B 67 -3.70 -14.64 8.55
CA TRP B 67 -4.23 -15.56 7.56
C TRP B 67 -3.59 -15.29 6.21
N SER B 68 -3.55 -16.31 5.35
CA SER B 68 -2.98 -16.14 4.00
C SER B 68 -4.03 -15.46 3.13
N HIS B 69 -3.59 -14.84 2.03
CA HIS B 69 -4.51 -14.17 1.13
C HIS B 69 -5.67 -15.04 0.68
N ILE B 70 -5.49 -16.36 0.74
CA ILE B 70 -6.54 -17.28 0.33
C ILE B 70 -7.78 -17.07 1.19
N HIS B 71 -7.65 -16.23 2.21
CA HIS B 71 -8.76 -15.99 3.12
C HIS B 71 -9.30 -14.57 3.10
N ASN B 72 -8.83 -13.74 2.17
CA ASN B 72 -9.33 -12.36 2.11
C ASN B 72 -10.84 -12.39 1.98
N THR B 73 -11.48 -11.30 2.37
CA THR B 73 -12.92 -11.21 2.26
C THR B 73 -13.28 -9.76 1.96
N TRP B 74 -14.49 -9.53 1.46
CA TRP B 74 -14.92 -8.17 1.18
C TRP B 74 -15.65 -7.69 2.44
N GLU B 75 -15.53 -6.40 2.77
CA GLU B 75 -16.17 -5.88 3.97
C GLU B 75 -16.63 -4.46 3.84
N THR B 76 -17.48 -4.06 4.76
CA THR B 76 -18.06 -2.75 4.79
C THR B 76 -17.45 -1.94 5.94
N GLU B 77 -17.40 -0.61 5.82
CA GLU B 77 -16.84 0.19 6.90
C GLU B 77 -17.54 -0.17 8.22
N GLU B 78 -18.73 -0.77 8.12
CA GLU B 78 -19.49 -1.17 9.29
C GLU B 78 -19.13 -2.56 9.76
N THR B 79 -19.44 -3.58 8.96
CA THR B 79 -19.14 -4.98 9.30
C THR B 79 -17.85 -5.05 10.08
N LEU B 80 -16.91 -4.19 9.72
CA LEU B 80 -15.62 -4.10 10.39
C LEU B 80 -15.88 -3.68 11.84
N LYS B 81 -16.54 -2.54 12.02
CA LYS B 81 -16.89 -2.06 13.35
C LYS B 81 -17.76 -3.08 14.06
N GLN B 82 -18.82 -3.49 13.39
CA GLN B 82 -19.77 -4.47 13.91
C GLN B 82 -19.09 -5.80 14.26
N GLN B 83 -17.77 -5.84 14.15
CA GLN B 83 -17.01 -7.06 14.44
C GLN B 83 -15.82 -6.83 15.36
N ASN B 84 -15.57 -5.57 15.71
CA ASN B 84 -14.45 -5.15 16.59
C ASN B 84 -13.05 -5.43 16.13
N VAL B 85 -12.84 -5.44 14.81
CA VAL B 85 -11.50 -5.64 14.19
C VAL B 85 -10.61 -4.49 14.58
N ARG B 86 -9.31 -4.76 14.73
CA ARG B 86 -8.35 -3.72 15.09
C ARG B 86 -7.73 -3.22 13.77
N GLY B 87 -7.03 -2.10 13.83
CA GLY B 87 -6.40 -1.59 12.63
C GLY B 87 -7.28 -0.66 11.81
N MET B 88 -8.50 -0.43 12.27
CA MET B 88 -9.43 0.44 11.56
C MET B 88 -8.94 1.86 11.37
N LYS B 89 -7.75 2.16 11.87
CA LYS B 89 -7.17 3.48 11.71
C LYS B 89 -6.56 3.47 10.32
N LYS B 90 -6.43 2.27 9.77
CA LYS B 90 -5.89 2.06 8.45
C LYS B 90 -6.94 2.36 7.40
N LEU B 91 -8.20 2.26 7.82
CA LEU B 91 -9.32 2.51 6.92
C LEU B 91 -9.45 3.97 6.52
N ASP B 92 -9.03 4.87 7.41
CA ASP B 92 -9.13 6.29 7.11
C ASP B 92 -7.99 6.68 6.18
N ASN B 93 -6.90 5.94 6.26
CA ASN B 93 -5.75 6.20 5.39
C ASN B 93 -6.11 5.82 3.96
N TYR B 94 -6.64 4.62 3.81
CA TYR B 94 -7.05 4.08 2.52
C TYR B 94 -8.06 5.01 1.83
N LYS B 95 -9.21 5.17 2.47
CA LYS B 95 -10.28 6.02 1.94
C LYS B 95 -9.67 7.32 1.44
N LYS B 96 -9.04 8.06 2.34
CA LYS B 96 -8.43 9.31 1.93
C LYS B 96 -7.66 9.13 0.62
N LYS B 97 -6.86 8.07 0.53
CA LYS B 97 -6.06 7.83 -0.67
C LYS B 97 -6.87 7.53 -1.92
N ASP B 98 -7.86 6.65 -1.81
CA ASP B 98 -8.66 6.31 -2.98
C ASP B 98 -9.36 7.51 -3.59
N GLN B 99 -9.98 8.34 -2.76
CA GLN B 99 -10.64 9.53 -3.28
C GLN B 99 -9.57 10.41 -3.90
N GLU B 100 -8.48 10.54 -3.17
CA GLU B 100 -7.31 11.33 -3.57
C GLU B 100 -6.91 10.97 -5.00
N THR B 101 -7.12 9.72 -5.41
CA THR B 101 -6.77 9.31 -6.75
C THR B 101 -7.97 9.28 -7.71
N LYS B 102 -9.12 8.77 -7.25
CA LYS B 102 -10.29 8.73 -8.12
C LYS B 102 -10.37 10.13 -8.71
N ARG B 103 -9.96 11.10 -7.89
CA ARG B 103 -9.94 12.52 -8.20
C ARG B 103 -8.99 12.80 -9.36
N TRP B 104 -7.71 12.51 -9.13
CA TRP B 104 -6.64 12.68 -10.11
C TRP B 104 -7.03 12.09 -11.48
N LEU B 105 -7.91 11.10 -11.46
CA LEU B 105 -8.35 10.44 -12.67
C LEU B 105 -9.02 11.35 -13.70
N LYS B 106 -10.21 11.87 -13.37
CA LYS B 106 -10.96 12.74 -14.28
C LYS B 106 -10.09 13.74 -15.04
N ASN B 107 -8.91 14.02 -14.52
CA ASN B 107 -8.01 14.98 -15.17
C ASN B 107 -6.68 14.44 -15.68
N ALA B 108 -6.41 13.16 -15.45
CA ALA B 108 -5.16 12.57 -15.91
C ALA B 108 -5.14 12.40 -17.43
N SER B 109 -4.11 12.95 -18.08
CA SER B 109 -3.97 12.85 -19.53
C SER B 109 -4.12 11.39 -19.96
N PRO B 110 -4.70 11.14 -21.15
CA PRO B 110 -4.83 9.75 -21.57
C PRO B 110 -3.53 8.92 -21.44
N GLU B 111 -2.38 9.54 -21.71
CA GLU B 111 -1.08 8.88 -21.62
C GLU B 111 -0.82 8.36 -20.19
N ASP B 112 -1.38 9.05 -19.20
CA ASP B 112 -1.22 8.66 -17.80
C ASP B 112 -2.29 7.66 -17.37
N VAL B 113 -3.48 7.82 -17.91
CA VAL B 113 -4.56 6.92 -17.55
C VAL B 113 -4.25 5.53 -18.05
N GLU B 114 -3.50 5.45 -19.15
CA GLU B 114 -3.15 4.16 -19.74
C GLU B 114 -2.13 3.46 -18.87
N TYR B 115 -1.14 4.22 -18.41
CA TYR B 115 -0.12 3.66 -17.55
C TYR B 115 -0.86 3.12 -16.33
N TYR B 116 -1.64 4.00 -15.69
CA TYR B 116 -2.39 3.61 -14.52
C TYR B 116 -3.14 2.31 -14.74
N ASN B 117 -3.65 2.12 -15.94
CA ASN B 117 -4.41 0.93 -16.18
C ASN B 117 -3.55 -0.30 -16.31
N CYS B 118 -2.41 -0.15 -16.98
CA CYS B 118 -1.51 -1.28 -17.19
C CYS B 118 -0.94 -1.75 -15.87
N GLN B 119 -0.50 -0.80 -15.06
CA GLN B 119 0.08 -1.10 -13.76
C GLN B 119 -0.89 -1.78 -12.81
N GLN B 120 -2.10 -1.24 -12.72
CA GLN B 120 -3.11 -1.81 -11.85
C GLN B 120 -3.49 -3.19 -12.38
N GLU B 121 -3.46 -3.34 -13.70
CA GLU B 121 -3.79 -4.63 -14.29
C GLU B 121 -2.81 -5.64 -13.73
N LEU B 122 -1.52 -5.37 -13.91
CA LEU B 122 -0.43 -6.22 -13.42
C LEU B 122 -0.60 -6.45 -11.93
N THR B 123 -0.43 -5.37 -11.18
CA THR B 123 -0.57 -5.42 -9.73
C THR B 123 -1.66 -6.40 -9.32
N ASP B 124 -2.81 -6.33 -9.98
CA ASP B 124 -3.91 -7.19 -9.61
C ASP B 124 -3.67 -8.65 -9.85
N ASP B 125 -2.95 -8.98 -10.90
CA ASP B 125 -2.66 -10.38 -11.18
C ASP B 125 -1.71 -10.91 -10.11
N LEU B 126 -0.80 -10.05 -9.68
CA LEU B 126 0.15 -10.37 -8.63
C LEU B 126 -0.68 -10.80 -7.43
N HIS B 127 -1.50 -9.87 -6.96
CA HIS B 127 -2.36 -10.10 -5.81
C HIS B 127 -3.22 -11.36 -5.92
N LYS B 128 -3.33 -11.92 -7.12
CA LYS B 128 -4.13 -13.11 -7.29
C LYS B 128 -3.31 -14.40 -7.14
N GLN B 129 -2.02 -14.32 -7.43
CA GLN B 129 -1.13 -15.47 -7.30
C GLN B 129 -1.11 -15.88 -5.81
N TYR B 130 -0.88 -14.88 -4.96
CA TYR B 130 -0.81 -15.03 -3.51
C TYR B 130 -1.78 -16.09 -3.02
N GLN B 131 -2.90 -16.25 -3.74
CA GLN B 131 -3.92 -17.21 -3.34
C GLN B 131 -3.77 -18.59 -3.91
N ILE B 132 -2.75 -18.83 -4.70
CA ILE B 132 -2.61 -20.16 -5.25
C ILE B 132 -1.33 -20.85 -4.79
N VAL B 133 -1.50 -22.03 -4.21
CA VAL B 133 -0.41 -22.83 -3.71
C VAL B 133 0.64 -23.00 -4.79
N GLY B 134 1.89 -22.71 -4.45
CA GLY B 134 2.96 -22.86 -5.40
C GLY B 134 3.66 -24.21 -5.20
N ARG B 135 3.77 -24.60 -3.93
CA ARG B 135 4.41 -25.85 -3.56
C ARG B 135 4.13 -26.10 -2.08
N ILE B 136 3.58 -27.27 -1.74
CA ILE B 136 3.36 -27.54 -0.32
C ILE B 136 4.71 -28.10 0.10
N ILE B 137 5.28 -27.52 1.15
CA ILE B 137 6.60 -27.93 1.57
C ILE B 137 6.66 -28.82 2.79
N ALA B 138 5.60 -28.81 3.59
CA ALA B 138 5.56 -29.65 4.78
C ALA B 138 4.14 -30.11 5.02
N HIS B 139 3.95 -31.01 5.97
CA HIS B 139 2.62 -31.50 6.26
C HIS B 139 2.54 -31.99 7.70
N SER B 140 1.36 -31.86 8.30
CA SER B 140 1.12 -32.27 9.66
C SER B 140 0.68 -33.73 9.69
N ASN B 141 0.89 -34.44 10.76
CA ASN B 141 0.41 -35.79 10.75
C ASN B 141 -0.59 -36.05 11.85
N GLN B 142 -1.45 -35.03 12.04
CA GLN B 142 -2.58 -35.08 13.00
C GLN B 142 -3.75 -34.85 12.04
N LYS B 143 -4.33 -35.96 11.56
CA LYS B 143 -5.47 -35.90 10.66
C LYS B 143 -6.77 -35.74 11.46
N ALA B 146 -9.10 -33.52 11.15
CA ALA B 146 -10.02 -34.49 11.79
C ALA B 146 -10.39 -35.53 10.72
N GLY B 147 -9.58 -35.60 9.67
CA GLY B 147 -9.78 -36.55 8.59
C GLY B 147 -8.75 -36.32 7.50
N TYR B 148 -8.13 -35.13 7.55
CA TYR B 148 -7.11 -34.70 6.59
C TYR B 148 -5.90 -34.11 7.30
N PRO B 149 -4.78 -34.04 6.57
CA PRO B 149 -3.54 -33.47 7.14
C PRO B 149 -3.55 -32.01 6.78
N ASP B 150 -2.89 -31.18 7.59
CA ASP B 150 -2.80 -29.76 7.30
C ASP B 150 -1.55 -29.64 6.45
N TYR B 151 -1.49 -28.66 5.56
CA TYR B 151 -0.31 -28.51 4.71
C TYR B 151 0.36 -27.15 4.84
N TYR B 152 1.69 -27.15 4.81
CA TYR B 152 2.48 -25.92 4.89
C TYR B 152 2.63 -25.52 3.43
N CYS B 153 2.23 -24.30 3.10
CA CYS B 153 2.25 -23.87 1.71
C CYS B 153 3.11 -22.67 1.34
N LYS B 154 3.78 -22.82 0.20
CA LYS B 154 4.62 -21.78 -0.35
C LYS B 154 3.64 -21.17 -1.36
N TRP B 155 3.35 -19.90 -1.21
CA TRP B 155 2.42 -19.24 -2.12
C TRP B 155 3.19 -18.59 -3.25
N GLN B 156 2.59 -18.61 -4.44
CA GLN B 156 3.25 -18.02 -5.58
C GLN B 156 3.40 -16.54 -5.34
N GLY B 157 4.44 -15.97 -5.91
CA GLY B 157 4.66 -14.55 -5.76
C GLY B 157 5.08 -14.07 -4.39
N LEU B 158 5.17 -14.96 -3.40
CA LEU B 158 5.58 -14.53 -2.06
C LEU B 158 6.70 -15.37 -1.45
N PRO B 159 7.43 -14.78 -0.49
CA PRO B 159 8.55 -15.33 0.28
C PRO B 159 8.19 -16.60 1.04
N TYR B 160 9.19 -17.33 1.55
CA TYR B 160 8.85 -18.51 2.32
C TYR B 160 8.42 -18.00 3.68
N SER B 161 8.78 -16.75 3.95
CA SER B 161 8.43 -16.12 5.20
C SER B 161 6.92 -15.98 5.30
N GLU B 162 6.23 -16.30 4.21
CA GLU B 162 4.78 -16.20 4.17
C GLU B 162 4.14 -17.55 3.98
N CYS B 163 4.88 -18.63 4.24
CA CYS B 163 4.29 -19.95 4.13
C CYS B 163 3.30 -19.96 5.26
N SER B 164 2.25 -20.74 5.14
CA SER B 164 1.26 -20.76 6.20
C SER B 164 0.61 -22.12 6.22
N TRP B 165 0.30 -22.62 7.41
CA TRP B 165 -0.35 -23.89 7.50
C TRP B 165 -1.77 -23.67 7.03
N GLU B 166 -2.23 -24.57 6.18
CA GLU B 166 -3.56 -24.45 5.68
C GLU B 166 -4.22 -25.77 5.88
N ASP B 167 -5.53 -25.72 6.06
CA ASP B 167 -6.33 -26.91 6.26
C ASP B 167 -6.15 -27.81 5.08
N GLY B 168 -6.02 -29.10 5.35
CA GLY B 168 -5.94 -30.03 4.25
C GLY B 168 -7.36 -30.00 3.74
N ALA B 169 -7.94 -31.11 3.30
CA ALA B 169 -9.30 -31.06 2.85
C ALA B 169 -9.55 -29.99 1.83
N LEU B 170 -9.36 -28.72 2.20
CA LEU B 170 -9.58 -27.66 1.20
C LEU B 170 -8.44 -27.97 0.29
N ILE B 171 -7.35 -27.20 0.42
CA ILE B 171 -6.12 -27.37 -0.41
C ILE B 171 -6.33 -28.41 -1.52
N SER B 172 -6.73 -29.62 -1.10
CA SER B 172 -7.03 -30.75 -1.97
C SER B 172 -8.11 -30.39 -3.02
N LYS B 173 -9.14 -29.68 -2.56
CA LYS B 173 -10.22 -29.24 -3.42
C LYS B 173 -9.78 -28.46 -4.65
N LYS B 174 -8.60 -27.86 -4.61
CA LYS B 174 -8.12 -27.08 -5.76
C LYS B 174 -6.63 -27.29 -6.07
N PHE B 175 -5.90 -27.82 -5.10
CA PHE B 175 -4.47 -28.02 -5.24
C PHE B 175 -3.97 -29.44 -5.04
N GLN B 176 -4.74 -30.44 -5.44
CA GLN B 176 -4.30 -31.83 -5.26
C GLN B 176 -3.01 -32.08 -6.00
N ALA B 177 -2.92 -31.55 -7.22
CA ALA B 177 -1.73 -31.72 -8.03
C ALA B 177 -0.46 -31.39 -7.25
N CYS B 178 -0.53 -30.32 -6.44
CA CYS B 178 0.61 -29.90 -5.64
C CYS B 178 0.94 -30.87 -4.53
N ILE B 179 -0.09 -31.47 -3.93
CA ILE B 179 0.11 -32.43 -2.85
C ILE B 179 0.40 -33.81 -3.43
N ASP B 180 -0.22 -34.14 -4.55
CA ASP B 180 0.04 -35.43 -5.19
C ASP B 180 1.49 -35.35 -5.59
N GLU B 181 1.91 -34.15 -6.00
CA GLU B 181 3.31 -33.92 -6.35
C GLU B 181 3.93 -34.03 -4.99
N TYR B 182 4.26 -32.94 -4.35
CA TYR B 182 4.88 -33.10 -3.05
C TYR B 182 5.48 -34.47 -3.25
N PHE B 183 5.38 -35.39 -2.28
CA PHE B 183 5.11 -36.79 -2.60
C PHE B 183 6.25 -37.73 -3.01
N SER B 184 7.50 -37.44 -2.65
CA SER B 184 8.63 -38.18 -3.22
C SER B 184 8.83 -39.63 -2.72
N ARG B 185 8.62 -40.62 -3.59
CA ARG B 185 8.19 -41.94 -3.14
C ARG B 185 6.88 -42.34 -3.79
N PHE C 13 -19.90 40.03 -10.40
CA PHE C 13 -19.79 38.58 -10.74
C PHE C 13 -19.70 37.34 -9.77
N GLU C 14 -19.54 36.20 -10.47
CA GLU C 14 -19.30 34.80 -10.01
C GLU C 14 -20.14 33.77 -9.24
N THR C 15 -21.22 33.20 -9.78
CA THR C 15 -22.00 32.20 -9.02
C THR C 15 -21.44 30.75 -8.99
N ILE C 16 -21.89 29.98 -8.00
CA ILE C 16 -21.52 28.56 -7.81
C ILE C 16 -22.54 27.71 -8.54
N GLU C 17 -22.08 26.79 -9.37
CA GLU C 17 -22.97 25.93 -10.12
C GLU C 17 -23.16 24.59 -9.43
N ARG C 18 -22.16 24.15 -8.68
CA ARG C 18 -22.25 22.86 -8.00
C ARG C 18 -21.01 22.52 -7.16
N PHE C 19 -21.23 21.92 -5.99
CA PHE C 19 -20.13 21.49 -5.11
C PHE C 19 -19.82 20.10 -5.60
N MET C 20 -18.58 19.88 -6.02
CA MET C 20 -18.20 18.59 -6.55
C MET C 20 -17.63 17.60 -5.54
N ASP C 21 -16.83 18.11 -4.62
CA ASP C 21 -16.20 17.28 -3.62
C ASP C 21 -16.07 18.10 -2.34
N CYS C 22 -15.43 17.50 -1.33
CA CYS C 22 -15.19 18.17 -0.06
C CYS C 22 -13.91 17.54 0.52
N ARG C 23 -13.23 18.22 1.43
CA ARG C 23 -12.00 17.65 2.02
C ARG C 23 -11.35 18.48 3.13
N ILE C 24 -10.45 17.85 3.87
CA ILE C 24 -9.72 18.57 4.89
C ILE C 24 -8.34 18.77 4.27
N GLY C 25 -7.94 20.04 4.12
CA GLY C 25 -6.65 20.32 3.51
C GLY C 25 -5.94 21.52 4.08
N ARG C 26 -4.65 21.62 3.75
CA ARG C 26 -3.80 22.70 4.22
C ARG C 26 -4.53 24.04 4.13
N LYS C 27 -4.46 24.82 5.20
CA LYS C 27 -5.09 26.13 5.18
C LYS C 27 -4.39 26.83 4.03
N GLY C 28 -5.16 27.62 3.27
CA GLY C 28 -4.59 28.36 2.16
C GLY C 28 -4.55 27.62 0.84
N ALA C 29 -4.62 26.29 0.89
CA ALA C 29 -4.60 25.48 -0.32
C ALA C 29 -5.92 25.63 -1.05
N THR C 30 -6.32 26.89 -1.26
CA THR C 30 -7.56 27.23 -1.95
C THR C 30 -7.36 28.30 -3.00
N GLY C 31 -8.35 28.40 -3.90
CA GLY C 31 -8.32 29.40 -4.95
C GLY C 31 -7.72 29.02 -6.29
N ALA C 32 -7.30 30.07 -6.99
CA ALA C 32 -6.74 29.95 -8.32
C ALA C 32 -5.66 28.92 -8.40
N THR C 33 -4.82 28.87 -7.37
CA THR C 33 -3.70 27.93 -7.34
C THR C 33 -4.10 26.47 -7.24
N THR C 34 -5.38 26.17 -7.28
CA THR C 34 -5.78 24.78 -7.15
C THR C 34 -6.44 24.19 -8.39
N THR C 35 -6.45 24.98 -9.46
CA THR C 35 -7.02 24.52 -10.72
C THR C 35 -6.08 23.45 -11.23
N ILE C 36 -6.54 22.53 -12.05
CA ILE C 36 -5.64 21.49 -12.54
C ILE C 36 -4.49 22.07 -13.32
N TYR C 37 -4.75 23.11 -14.11
CA TYR C 37 -3.68 23.68 -14.90
C TYR C 37 -2.65 24.40 -14.05
N ALA C 38 -3.07 24.88 -12.88
CA ALA C 38 -2.18 25.59 -11.99
C ALA C 38 -1.42 24.56 -11.15
N VAL C 39 -2.10 23.49 -10.77
CA VAL C 39 -1.46 22.45 -9.99
C VAL C 39 -0.38 21.85 -10.87
N GLU C 40 -0.77 21.44 -12.07
CA GLU C 40 0.17 20.84 -12.99
C GLU C 40 1.25 21.83 -13.34
N ALA C 41 0.91 23.10 -13.37
CA ALA C 41 1.92 24.10 -13.69
C ALA C 41 2.90 24.29 -12.54
N ASP C 42 2.42 24.80 -11.40
CA ASP C 42 3.30 25.07 -10.27
C ASP C 42 3.15 24.17 -9.05
N GLY C 43 2.69 22.94 -9.25
CA GLY C 43 2.53 22.03 -8.12
C GLY C 43 1.28 22.20 -7.27
N ASP C 44 0.88 21.14 -6.59
CA ASP C 44 -0.30 21.17 -5.74
C ASP C 44 0.03 21.84 -4.41
N PRO C 45 -0.79 22.82 -3.98
CA PRO C 45 -0.50 23.47 -2.72
C PRO C 45 -1.01 22.68 -1.53
N ASN C 46 -1.74 21.62 -1.79
CA ASN C 46 -2.21 20.82 -0.69
C ASN C 46 -1.20 19.70 -0.55
N ALA C 47 -0.11 19.81 -1.30
CA ALA C 47 0.73 18.65 -1.45
C ALA C 47 0.98 18.23 -0.04
N GLY C 48 1.11 16.94 0.18
CA GLY C 48 1.71 16.44 1.40
C GLY C 48 0.83 16.57 2.62
N PHE C 49 -0.37 17.09 2.46
CA PHE C 49 -1.11 17.47 3.64
C PHE C 49 -1.49 16.21 4.38
N GLU C 50 -2.02 16.42 5.57
CA GLU C 50 -2.49 15.35 6.42
C GLU C 50 -2.71 16.01 7.76
N LYS C 51 -3.82 15.67 8.40
CA LYS C 51 -4.21 16.24 9.68
C LYS C 51 -3.23 16.12 10.85
N ASN C 52 -2.26 17.03 10.88
CA ASN C 52 -1.28 17.16 11.96
C ASN C 52 -0.42 18.36 11.63
N LYS C 53 -0.68 18.94 10.46
CA LYS C 53 -0.07 20.20 10.03
C LYS C 53 -1.17 21.05 10.62
N GLU C 54 -0.88 22.27 11.05
CA GLU C 54 -1.98 23.05 11.63
C GLU C 54 -2.57 24.13 10.71
N PRO C 55 -3.23 23.71 9.62
CA PRO C 55 -3.87 24.52 8.59
C PRO C 55 -5.35 24.09 8.61
N GLY C 56 -5.54 22.77 8.70
CA GLY C 56 -6.83 22.12 8.77
C GLY C 56 -8.00 23.01 8.47
N GLU C 57 -8.55 22.80 7.29
CA GLU C 57 -9.69 23.56 6.87
C GLU C 57 -10.57 22.61 6.13
N ILE C 58 -11.84 22.99 6.06
CA ILE C 58 -12.77 22.21 5.32
C ILE C 58 -12.74 22.96 3.99
N GLN C 59 -12.52 22.20 2.93
CA GLN C 59 -12.43 22.77 1.61
C GLN C 59 -13.43 22.08 0.69
N TYR C 60 -14.10 22.89 -0.11
CA TYR C 60 -15.09 22.34 -1.02
C TYR C 60 -14.63 22.55 -2.44
N LEU C 61 -14.77 21.52 -3.26
CA LEU C 61 -14.39 21.63 -4.67
C LEU C 61 -15.59 22.25 -5.40
N ILE C 62 -15.49 23.55 -5.67
CA ILE C 62 -16.60 24.27 -6.27
C ILE C 62 -16.65 24.66 -7.75
N LYS C 63 -17.12 23.73 -8.58
CA LYS C 63 -17.32 23.99 -10.01
C LYS C 63 -18.09 25.28 -10.27
N TRP C 64 -17.58 26.14 -11.16
CA TRP C 64 -18.26 27.40 -11.39
C TRP C 64 -19.15 27.48 -12.63
N LYS C 65 -20.16 28.34 -12.50
CA LYS C 65 -21.11 28.59 -13.56
C LYS C 65 -20.34 29.37 -14.62
N GLY C 66 -20.45 28.94 -15.87
CA GLY C 66 -19.78 29.66 -16.94
C GLY C 66 -18.36 29.22 -17.20
N TRP C 67 -17.92 28.20 -16.47
CA TRP C 67 -16.58 27.69 -16.66
C TRP C 67 -16.70 26.19 -16.59
N SER C 68 -15.94 25.51 -17.45
CA SER C 68 -15.97 24.07 -17.50
C SER C 68 -15.17 23.55 -16.31
N HIS C 69 -15.25 22.24 -16.06
CA HIS C 69 -14.54 21.68 -14.92
C HIS C 69 -13.06 21.94 -14.71
N ILE C 70 -12.28 22.13 -15.76
CA ILE C 70 -10.85 22.38 -15.53
C ILE C 70 -10.65 23.62 -14.67
N HIS C 71 -11.64 24.49 -14.63
CA HIS C 71 -11.51 25.73 -13.87
C HIS C 71 -12.01 25.61 -12.41
N ASN C 72 -12.55 24.45 -12.06
CA ASN C 72 -13.05 24.24 -10.72
C ASN C 72 -11.94 24.44 -9.70
N THR C 73 -12.28 25.05 -8.56
CA THR C 73 -11.27 25.29 -7.54
C THR C 73 -11.67 24.81 -6.15
N TRP C 74 -10.76 24.89 -5.19
CA TRP C 74 -11.08 24.49 -3.84
C TRP C 74 -11.23 25.77 -3.06
N GLU C 75 -12.41 25.95 -2.47
CA GLU C 75 -12.67 27.14 -1.66
C GLU C 75 -13.12 26.73 -0.26
N THR C 76 -13.33 27.77 0.56
CA THR C 76 -13.71 27.64 1.94
C THR C 76 -14.81 28.68 2.21
N GLU C 77 -15.69 28.39 3.15
CA GLU C 77 -16.78 29.31 3.48
C GLU C 77 -16.26 30.75 3.49
N GLU C 78 -15.11 30.95 4.16
CA GLU C 78 -14.47 32.26 4.26
C GLU C 78 -14.03 32.73 2.88
N THR C 79 -13.50 31.83 2.07
CA THR C 79 -13.10 32.26 0.76
C THR C 79 -14.32 32.62 -0.09
N LEU C 80 -15.41 31.82 -0.03
CA LEU C 80 -16.60 32.11 -0.86
C LEU C 80 -17.08 33.46 -0.33
N LYS C 81 -17.07 33.53 1.02
CA LYS C 81 -17.50 34.70 1.76
C LYS C 81 -17.04 36.01 1.11
N GLN C 82 -15.74 36.25 1.15
CA GLN C 82 -15.09 37.47 0.64
C GLN C 82 -14.99 37.66 -0.90
N GLN C 83 -15.43 36.68 -1.69
CA GLN C 83 -15.41 36.88 -3.13
C GLN C 83 -16.80 37.39 -3.52
N ASN C 84 -17.79 36.95 -2.75
CA ASN C 84 -19.18 37.34 -2.91
C ASN C 84 -19.83 36.65 -4.09
N VAL C 85 -19.59 35.35 -4.17
CA VAL C 85 -20.14 34.52 -5.21
C VAL C 85 -21.60 34.32 -4.84
N ARG C 86 -22.49 34.15 -5.82
CA ARG C 86 -23.89 33.91 -5.48
C ARG C 86 -24.04 32.41 -5.48
N GLY C 87 -25.09 31.92 -4.87
CA GLY C 87 -25.29 30.49 -4.85
C GLY C 87 -24.95 29.87 -3.52
N MET C 88 -24.65 30.72 -2.53
CA MET C 88 -24.32 30.24 -1.20
C MET C 88 -25.33 29.23 -0.70
N LYS C 89 -26.58 29.40 -1.12
CA LYS C 89 -27.65 28.50 -0.72
C LYS C 89 -27.13 27.06 -0.88
N LYS C 90 -26.41 26.88 -1.99
CA LYS C 90 -25.80 25.59 -2.32
C LYS C 90 -24.94 25.11 -1.17
N LEU C 91 -24.18 26.03 -0.58
CA LEU C 91 -23.32 25.71 0.54
C LEU C 91 -24.14 25.05 1.64
N ASP C 92 -25.14 25.77 2.14
CA ASP C 92 -26.04 25.27 3.18
C ASP C 92 -26.44 23.85 2.86
N ASN C 93 -27.04 23.70 1.69
CA ASN C 93 -27.51 22.38 1.27
C ASN C 93 -26.37 21.39 1.17
N TYR C 94 -25.17 21.86 0.86
CA TYR C 94 -24.08 20.91 0.75
C TYR C 94 -23.63 20.48 2.13
N LYS C 95 -23.67 21.43 3.07
CA LYS C 95 -23.28 21.15 4.47
C LYS C 95 -24.33 20.20 5.00
N LYS C 96 -24.96 19.44 4.13
CA LYS C 96 -26.03 18.59 4.56
C LYS C 96 -25.81 17.11 4.47
N LYS C 97 -25.26 16.59 5.56
CA LYS C 97 -24.96 15.19 5.71
C LYS C 97 -25.13 14.78 7.15
N ASP C 98 -25.84 13.69 7.35
CA ASP C 98 -26.03 13.15 8.68
C ASP C 98 -25.65 11.70 8.66
N GLN C 99 -25.82 11.03 9.78
CA GLN C 99 -25.36 9.69 9.78
C GLN C 99 -26.42 8.66 9.66
N ALA D 1 8.28 15.82 2.06
CA ALA D 1 9.65 15.68 2.53
C ALA D 1 9.69 14.75 3.72
C1 DA2 D 2 7.04 10.56 6.76
C2 DA2 D 2 6.27 8.83 8.27
N DA2 D 2 10.86 14.63 4.33
CA DA2 D 2 11.09 13.63 5.34
CB DA2 D 2 9.76 13.12 5.82
CG DA2 D 2 9.63 13.03 7.32
CD DA2 D 2 8.27 12.41 7.51
NE DA2 D 2 8.20 11.85 8.84
CZ DA2 D 2 7.57 10.73 9.12
NH2 DA2 D 2 7.52 10.27 10.35
NH1 DA2 D 2 6.99 10.08 8.11
C DA2 D 2 11.85 12.50 4.76
O DA2 D 2 11.24 11.67 4.07
N THR D 3 13.14 12.47 5.01
CA THR D 3 13.93 11.26 4.89
C THR D 3 14.49 10.85 6.23
N M3L D 4 15.45 9.96 6.21
CA M3L D 4 16.07 9.47 7.45
CB M3L D 4 16.34 7.99 7.35
CG M3L D 4 15.05 7.20 7.16
CD M3L D 4 14.88 6.11 8.20
CE M3L D 4 13.43 5.98 8.63
NZ M3L D 4 13.37 5.92 10.09
C M3L D 4 17.35 10.20 7.67
O M3L D 4 18.39 9.79 7.13
CM1 M3L D 4 13.63 7.23 10.65
CM2 M3L D 4 12.06 5.48 10.54
CM3 M3L D 4 14.37 4.97 10.57
N GLN D 5 17.25 11.29 8.44
CA GLN D 5 17.73 12.57 7.93
C GLN D 5 19.18 12.48 7.47
#